data_5EW6
#
_entry.id   5EW6
#
_cell.length_a   78.110
_cell.length_b   78.110
_cell.length_c   252.770
_cell.angle_alpha   90.00
_cell.angle_beta   90.00
_cell.angle_gamma   90.00
#
_symmetry.space_group_name_H-M   'P 41 21 2'
#
loop_
_entity.id
_entity.type
_entity.pdbx_description
1 polymer 'C-type mannose receptor 2'
2 branched 2-acetamido-2-deoxy-beta-D-glucopyranose-(1-4)-2-acetamido-2-deoxy-beta-D-glucopyranose-(1-4)-2-acetamido-2-deoxy-beta-D-glucopyranose
3 non-polymer 'SODIUM ION'
4 non-polymer 2-acetamido-2-deoxy-beta-D-glucopyranose
5 non-polymer 'PENTAETHYLENE GLYCOL'
6 water water
#
_entity_poly.entity_id   1
_entity_poly.type   'polypeptide(L)'
_entity_poly.pdbx_seq_one_letter_code
;RSGAPGDAALPEPNIFLIFSHGLQGCLEAQGGQVRVTPACNTSLPAQRWKWVSRNRLFNLGTMQCLGTGWPGTNTTASLG
MYECDREALNLRWHCRTLGDQLSLLLGARTSNISKPGTLERGDQTRSGQWRIYGSEEDLCALPYHEVYTIQGNSHGKPCT
IPFKYDNQWFHGCTSTGREDGHLWCATTQDYGKDERWGFCPIKSNDCETFWDKDQLTDSCYQFNFQSTLSWREAWASCEQ
QGADLLSITEIHEQTYINGLLTGYSSTLWIGLNDLDTSGGWQWSDNSPLKYLNWESDQPDNPSEENCGVIRTESSGGWQN
RDCSIALPYVCKKKPNATAEPTPPDRWANVKVECEPSWQPFQGHCYRLQAEKRSWQESKKACLRGGGDLVSIHSMAELEF
ITKQIKQEVEELWIGLNDLKLQMNFEWSDGSLVSFTHWHPFEPNNFRDSLEDCVTIWGPEGRWNDSPCNQSLPSICKKAG
QLTRTGHHHHHH
;
_entity_poly.pdbx_strand_id   A
#
# COMPACT_ATOMS: atom_id res chain seq x y z
N ALA A 9 2.92 27.02 7.69
CA ALA A 9 1.71 26.90 6.87
C ALA A 9 1.54 25.45 6.42
N LEU A 10 2.62 24.62 6.57
CA LEU A 10 2.50 23.20 6.24
C LEU A 10 2.06 22.40 7.47
N PRO A 11 1.15 21.44 7.32
CA PRO A 11 0.60 20.74 8.48
C PRO A 11 1.62 19.82 9.13
N GLU A 12 1.44 19.56 10.42
CA GLU A 12 2.41 18.84 11.24
C GLU A 12 1.72 17.73 12.01
N PRO A 13 1.30 16.67 11.32
CA PRO A 13 0.53 15.63 12.00
C PRO A 13 1.32 14.86 13.05
N ASN A 14 2.64 14.87 12.97
CA ASN A 14 3.54 14.14 13.84
C ASN A 14 4.15 14.98 14.95
N ILE A 15 3.76 16.23 15.09
CA ILE A 15 4.35 17.12 16.10
C ILE A 15 3.54 16.96 17.37
N PHE A 16 4.20 16.93 18.54
CA PHE A 16 3.48 16.75 19.80
C PHE A 16 4.08 17.59 20.90
N LEU A 17 3.30 17.76 21.97
CA LEU A 17 3.79 18.32 23.23
C LEU A 17 4.03 17.19 24.21
N ILE A 18 5.03 17.38 25.06
CA ILE A 18 5.48 16.37 26.00
C ILE A 18 5.06 16.80 27.40
N PHE A 19 4.22 15.99 28.03
CA PHE A 19 3.58 16.37 29.29
C PHE A 19 4.02 15.44 30.42
N SER A 20 4.49 16.03 31.52
CA SER A 20 4.86 15.25 32.71
C SER A 20 3.66 15.20 33.66
N HIS A 21 3.10 14.01 33.85
CA HIS A 21 1.98 13.92 34.79
C HIS A 21 2.45 14.11 36.22
N GLY A 22 3.73 13.86 36.50
CA GLY A 22 4.31 14.14 37.80
C GLY A 22 4.42 15.63 38.11
N LEU A 23 5.11 16.39 37.25
CA LEU A 23 5.28 17.82 37.46
C LEU A 23 4.10 18.65 36.97
N GLN A 24 3.04 18.02 36.43
CA GLN A 24 1.95 18.75 35.78
C GLN A 24 2.49 19.89 34.89
N GLY A 25 3.11 19.55 33.76
CA GLY A 25 3.54 20.59 32.84
C GLY A 25 4.24 20.01 31.62
N CYS A 26 4.54 20.91 30.68
CA CYS A 26 5.06 20.53 29.38
C CYS A 26 6.56 20.84 29.27
N LEU A 27 7.24 19.99 28.49
CA LEU A 27 8.64 20.20 28.22
C LEU A 27 8.83 21.36 27.27
N GLU A 28 9.68 22.31 27.65
CA GLU A 28 9.86 23.56 26.93
C GLU A 28 11.35 23.86 26.73
N ALA A 29 11.69 24.44 25.57
CA ALA A 29 13.09 24.74 25.24
C ALA A 29 13.24 26.22 24.92
N GLN A 30 13.93 26.95 25.78
CA GLN A 30 14.27 28.35 25.61
C GLN A 30 15.51 28.62 26.43
N GLY A 31 16.03 29.84 26.30
CA GLY A 31 17.42 29.91 26.70
C GLY A 31 18.18 28.83 25.96
N GLY A 32 19.19 28.28 26.64
CA GLY A 32 19.87 27.13 26.06
C GLY A 32 19.31 25.81 26.50
N GLN A 33 18.44 25.84 27.50
CA GLN A 33 18.08 24.69 28.30
C GLN A 33 16.64 24.26 28.08
N VAL A 34 16.28 23.18 28.76
CA VAL A 34 14.97 22.58 28.66
C VAL A 34 14.42 22.46 30.08
N ARG A 35 13.21 22.97 30.29
CA ARG A 35 12.56 22.93 31.58
C ARG A 35 11.08 22.59 31.35
N VAL A 36 10.35 22.43 32.44
CA VAL A 36 8.90 22.19 32.42
C VAL A 36 8.17 23.48 32.76
N THR A 37 7.20 23.82 31.96
CA THR A 37 6.31 24.93 32.28
C THR A 37 4.95 24.39 32.66
N PRO A 38 4.41 24.75 33.83
CA PRO A 38 3.01 24.39 34.10
C PRO A 38 2.05 24.93 33.07
N ALA A 39 2.43 25.94 32.27
CA ALA A 39 1.53 26.51 31.28
C ALA A 39 1.76 25.79 29.95
N CYS A 40 0.82 24.96 29.57
CA CYS A 40 0.97 24.18 28.35
C CYS A 40 0.30 24.96 27.23
N ASN A 41 1.00 25.09 26.10
CA ASN A 41 0.49 25.89 24.99
C ASN A 41 0.83 25.15 23.71
N THR A 42 -0.21 24.72 22.98
CA THR A 42 0.03 23.92 21.78
C THR A 42 0.53 24.77 20.63
N SER A 43 0.43 26.09 20.73
CA SER A 43 0.86 27.01 19.69
C SER A 43 2.29 27.54 19.86
N LEU A 44 2.98 27.20 20.96
CA LEU A 44 4.29 27.77 21.25
C LEU A 44 5.39 26.90 20.66
N PRO A 45 6.12 27.35 19.64
CA PRO A 45 7.16 26.50 19.03
C PRO A 45 8.09 25.88 20.04
N ALA A 46 8.40 26.58 21.14
CA ALA A 46 9.32 26.08 22.15
C ALA A 46 8.86 24.78 22.80
N GLN A 47 7.56 24.50 22.81
CA GLN A 47 7.00 23.29 23.41
C GLN A 47 6.74 22.16 22.42
N ARG A 48 7.01 22.37 21.13
CA ARG A 48 6.58 21.43 20.10
C ARG A 48 7.77 20.57 19.64
N TRP A 49 7.57 19.25 19.66
CA TRP A 49 8.60 18.25 19.45
C TRP A 49 8.20 17.29 18.32
N LYS A 50 9.20 16.67 17.69
CA LYS A 50 8.94 15.55 16.78
C LYS A 50 10.16 14.63 16.75
N TRP A 51 9.87 13.34 16.61
CA TRP A 51 10.94 12.37 16.39
C TRP A 51 11.49 12.55 14.99
N VAL A 52 12.82 12.54 14.87
CA VAL A 52 13.48 12.63 13.56
C VAL A 52 14.43 11.46 13.46
N SER A 53 15.25 11.41 12.41
CA SER A 53 16.05 10.23 12.14
C SER A 53 17.13 10.05 13.20
N ARG A 54 17.64 8.82 13.29
CA ARG A 54 18.78 8.48 14.17
C ARG A 54 18.43 8.72 15.64
N ASN A 55 17.17 8.45 16.00
CA ASN A 55 16.71 8.47 17.38
C ASN A 55 16.84 9.85 17.99
N ARG A 56 16.62 10.86 17.16
CA ARG A 56 16.76 12.22 17.65
C ARG A 56 15.39 12.86 17.84
N LEU A 57 15.32 13.73 18.84
CA LEU A 57 14.10 14.40 19.26
C LEU A 57 14.28 15.89 18.97
N PHE A 58 13.50 16.40 18.03
CA PHE A 58 13.70 17.74 17.48
C PHE A 58 12.70 18.72 18.09
N ASN A 59 13.19 19.90 18.46
CA ASN A 59 12.34 20.97 19.00
C ASN A 59 12.18 22.07 17.96
N LEU A 60 10.93 22.44 17.68
CA LEU A 60 10.66 23.45 16.67
C LEU A 60 11.08 24.85 17.12
N GLY A 61 11.00 25.15 18.41
CA GLY A 61 11.30 26.49 18.86
C GLY A 61 12.77 26.85 18.67
N THR A 62 13.65 25.96 19.11
CA THR A 62 15.09 26.16 18.93
C THR A 62 15.59 25.72 17.57
N MET A 63 14.83 24.87 16.85
CA MET A 63 15.31 24.24 15.62
C MET A 63 16.54 23.38 15.88
N GLN A 64 16.55 22.67 17.02
CA GLN A 64 17.69 21.88 17.46
C GLN A 64 17.18 20.57 18.03
N CYS A 65 18.11 19.72 18.48
CA CYS A 65 17.77 18.39 18.98
C CYS A 65 18.17 18.23 20.45
N LEU A 66 17.31 17.54 21.21
CA LEU A 66 17.58 17.29 22.63
C LEU A 66 18.87 16.47 22.80
N GLY A 67 19.64 16.81 23.84
CA GLY A 67 20.89 16.11 24.06
C GLY A 67 21.32 16.10 25.51
N THR A 68 22.21 15.15 25.81
CA THR A 68 22.91 15.06 27.08
C THR A 68 24.36 14.72 26.79
N GLY A 69 25.21 14.96 27.78
CA GLY A 69 26.63 14.68 27.60
C GLY A 69 26.93 13.19 27.59
N TRP A 70 28.00 12.83 26.87
CA TRP A 70 28.52 11.47 26.86
C TRP A 70 29.12 11.15 28.24
N PRO A 71 29.36 9.86 28.54
CA PRO A 71 30.06 9.50 29.78
C PRO A 71 31.45 10.13 29.90
N THR A 75 31.82 16.07 34.22
CA THR A 75 30.89 15.51 33.24
C THR A 75 29.64 14.97 33.93
N THR A 76 28.71 15.86 34.31
CA THR A 76 27.50 15.43 35.02
C THR A 76 26.25 15.79 34.20
N ALA A 77 25.61 14.77 33.63
CA ALA A 77 24.21 14.77 33.22
C ALA A 77 23.73 16.01 32.45
N SER A 78 22.73 16.65 33.03
CA SER A 78 21.81 17.73 32.65
C SER A 78 21.03 17.41 31.36
N LEU A 79 20.67 18.44 30.59
CA LEU A 79 19.88 18.36 29.37
C LEU A 79 20.15 19.61 28.56
N GLY A 80 20.10 19.50 27.23
CA GLY A 80 20.39 20.66 26.42
C GLY A 80 19.80 20.57 25.04
N MET A 81 19.71 21.73 24.40
CA MET A 81 19.36 21.85 22.99
C MET A 81 20.65 22.08 22.20
N TYR A 82 20.90 21.26 21.17
CA TYR A 82 22.12 21.31 20.39
C TYR A 82 21.81 21.18 18.91
N GLU A 83 22.66 21.80 18.08
CA GLU A 83 22.58 21.65 16.64
C GLU A 83 22.63 20.16 16.29
N CYS A 84 21.74 19.73 15.39
CA CYS A 84 21.58 18.30 15.16
C CYS A 84 22.77 17.64 14.48
N ASP A 85 23.77 18.43 14.02
CA ASP A 85 25.07 17.95 13.54
C ASP A 85 25.88 17.18 14.59
N ARG A 86 25.68 17.46 15.86
CA ARG A 86 26.81 17.38 16.79
C ARG A 86 27.11 15.94 17.18
N GLU A 87 28.33 15.49 16.83
CA GLU A 87 28.87 14.28 17.41
C GLU A 87 29.19 14.44 18.88
N ALA A 88 29.44 15.68 19.32
CA ALA A 88 30.04 15.95 20.62
C ALA A 88 29.03 15.92 21.77
N LEU A 89 27.76 15.63 21.51
CA LEU A 89 26.83 15.25 22.54
C LEU A 89 26.10 13.99 22.09
N ASN A 90 25.42 13.35 23.04
CA ASN A 90 24.61 12.17 22.73
C ASN A 90 23.20 12.66 22.48
N LEU A 91 22.77 12.57 21.22
CA LEU A 91 21.43 12.97 20.84
C LEU A 91 20.47 11.79 20.70
N ARG A 92 20.92 10.57 21.00
CA ARG A 92 20.09 9.37 20.82
C ARG A 92 19.16 9.18 22.01
N TRP A 93 17.86 9.16 21.74
CA TRP A 93 16.83 8.86 22.73
C TRP A 93 15.93 7.75 22.21
N HIS A 94 15.50 6.86 23.10
CA HIS A 94 14.57 5.80 22.76
C HIS A 94 13.23 6.05 23.44
N CYS A 95 12.15 5.98 22.67
CA CYS A 95 10.85 6.43 23.17
C CYS A 95 10.38 5.61 24.36
N ARG A 96 10.82 4.36 24.52
CA ARG A 96 10.40 3.59 25.67
C ARG A 96 11.03 4.13 26.95
N THR A 97 12.28 4.57 26.88
CA THR A 97 13.01 5.07 28.04
C THR A 97 13.01 6.59 28.17
N LEU A 98 12.40 7.33 27.25
CA LEU A 98 12.57 8.79 27.25
C LEU A 98 12.01 9.42 28.52
N GLY A 99 10.82 8.99 28.96
CA GLY A 99 10.22 9.56 30.15
C GLY A 99 11.10 9.40 31.38
N ASP A 100 11.57 8.16 31.62
CA ASP A 100 12.47 7.92 32.74
C ASP A 100 13.71 8.80 32.68
N GLN A 101 14.21 9.10 31.47
CA GLN A 101 15.40 9.94 31.36
C GLN A 101 15.09 11.40 31.70
N LEU A 102 13.95 11.91 31.21
CA LEU A 102 13.55 13.28 31.54
C LEU A 102 13.46 13.47 33.05
N SER A 103 12.89 12.50 33.77
CA SER A 103 12.81 12.58 35.23
C SER A 103 14.21 12.67 35.86
N LEU A 104 15.17 11.88 35.33
CA LEU A 104 16.50 11.83 35.94
C LEU A 104 17.33 13.06 35.60
N LEU A 105 17.28 13.53 34.36
CA LEU A 105 18.14 14.65 33.98
C LEU A 105 17.51 16.01 34.22
N LEU A 106 16.20 16.10 34.45
CA LEU A 106 15.58 17.42 34.54
C LEU A 106 15.92 18.10 35.86
N GLY A 107 16.02 17.32 36.94
CA GLY A 107 16.39 17.87 38.23
C GLY A 107 15.28 18.55 38.98
N ALA A 108 14.07 18.57 38.45
CA ALA A 108 12.96 19.22 39.14
C ALA A 108 12.45 18.30 40.24
N ARG A 109 12.55 18.76 41.48
CA ARG A 109 12.20 17.91 42.61
C ARG A 109 10.69 17.98 42.85
N THR A 110 10.11 16.82 43.18
CA THR A 110 8.66 16.70 43.31
C THR A 110 8.21 16.75 44.77
N GLY A 128 6.64 10.21 38.35
CA GLY A 128 5.69 10.83 37.46
C GLY A 128 5.97 10.48 36.01
N GLN A 129 4.97 9.91 35.33
CA GLN A 129 5.16 9.40 33.98
C GLN A 129 4.96 10.50 32.94
N TRP A 130 5.81 10.47 31.92
CA TRP A 130 5.71 11.40 30.80
C TRP A 130 4.90 10.80 29.67
N ARG A 131 3.96 11.57 29.14
CA ARG A 131 3.13 11.17 28.02
C ARG A 131 3.01 12.33 27.04
N ILE A 132 2.48 12.00 25.87
CA ILE A 132 2.09 13.02 24.90
C ILE A 132 0.95 13.83 25.47
N TYR A 133 1.08 15.16 25.40
CA TYR A 133 0.06 16.06 25.91
C TYR A 133 -1.27 15.88 25.22
N GLY A 134 -2.30 15.74 26.04
CA GLY A 134 -3.68 15.87 25.73
C GLY A 134 -4.31 14.58 25.23
N SER A 135 -3.57 13.74 24.51
CA SER A 135 -4.08 12.40 24.24
C SER A 135 -3.63 11.41 25.30
N GLU A 136 -2.58 11.74 26.06
CA GLU A 136 -1.99 10.87 27.07
C GLU A 136 -1.51 9.55 26.48
N GLU A 137 -1.25 9.50 25.17
CA GLU A 137 -0.65 8.31 24.60
C GLU A 137 0.85 8.33 24.88
N ASP A 138 1.48 7.17 24.84
CA ASP A 138 2.88 7.17 25.27
C ASP A 138 3.74 7.82 24.19
N LEU A 139 5.04 7.96 24.51
CA LEU A 139 5.93 8.79 23.70
C LEU A 139 6.38 8.11 22.41
N CYS A 140 6.04 6.83 22.25
CA CYS A 140 6.28 6.06 21.03
C CYS A 140 5.17 6.22 20.02
N ALA A 141 4.15 7.03 20.30
CA ALA A 141 2.96 6.98 19.46
C ALA A 141 3.16 7.64 18.11
N LEU A 142 4.13 8.55 17.97
CA LEU A 142 4.39 9.22 16.69
C LEU A 142 5.82 8.97 16.23
N PRO A 143 6.17 7.74 15.87
CA PRO A 143 7.55 7.45 15.44
C PRO A 143 7.93 8.21 14.19
N TYR A 144 9.23 8.36 13.99
CA TYR A 144 9.72 8.91 12.73
C TYR A 144 9.57 7.86 11.63
N HIS A 145 9.11 8.29 10.45
CA HIS A 145 8.97 7.42 9.28
C HIS A 145 9.73 8.04 8.12
N GLU A 146 10.35 7.18 7.32
CA GLU A 146 11.11 7.64 6.18
C GLU A 146 10.20 7.92 4.99
N VAL A 147 10.57 8.96 4.25
CA VAL A 147 9.77 9.50 3.18
C VAL A 147 10.64 9.44 1.92
N TYR A 148 10.23 8.64 0.93
CA TYR A 148 11.06 8.41 -0.24
C TYR A 148 10.89 9.58 -1.20
N THR A 149 12.02 10.08 -1.69
CA THR A 149 12.00 11.18 -2.63
C THR A 149 11.51 10.74 -4.02
N ILE A 150 10.91 11.69 -4.73
CA ILE A 150 10.45 11.53 -6.09
C ILE A 150 11.39 12.32 -7.00
N GLN A 151 11.84 11.68 -8.08
CA GLN A 151 12.80 12.24 -9.02
C GLN A 151 14.03 12.80 -8.31
N GLY A 152 14.51 13.97 -8.68
CA GLY A 152 15.75 14.42 -8.07
C GLY A 152 16.93 13.56 -8.53
N ASN A 153 18.06 13.76 -7.86
CA ASN A 153 19.32 13.05 -8.14
C ASN A 153 19.61 11.88 -7.18
N SER A 154 18.68 11.55 -6.29
CA SER A 154 18.98 10.58 -5.24
C SER A 154 18.45 9.16 -5.46
N HIS A 155 17.84 8.87 -6.60
CA HIS A 155 17.39 7.49 -6.88
C HIS A 155 16.36 6.99 -5.86
N GLY A 156 15.53 7.88 -5.30
CA GLY A 156 14.50 7.44 -4.38
C GLY A 156 14.86 7.44 -2.90
N LYS A 157 16.10 7.75 -2.52
CA LYS A 157 16.51 7.67 -1.13
C LYS A 157 15.62 8.58 -0.28
N PRO A 158 15.31 8.16 0.95
CA PRO A 158 14.46 8.99 1.81
C PRO A 158 15.08 10.33 2.15
N CYS A 159 14.23 11.29 2.45
CA CYS A 159 14.68 12.53 3.06
C CYS A 159 15.53 12.24 4.28
N THR A 160 16.60 13.01 4.43
CA THR A 160 17.37 13.05 5.68
C THR A 160 16.73 14.14 6.53
N ILE A 161 16.09 13.74 7.62
CA ILE A 161 15.43 14.65 8.53
C ILE A 161 16.13 14.56 9.86
N PRO A 162 16.71 15.68 10.34
CA PRO A 162 16.68 16.95 9.61
C PRO A 162 17.86 17.15 8.66
N PHE A 163 17.84 18.24 7.89
CA PHE A 163 18.87 18.54 6.91
C PHE A 163 19.11 20.05 6.88
N LYS A 164 20.38 20.42 6.69
CA LYS A 164 20.76 21.82 6.57
C LYS A 164 20.81 22.20 5.10
N TYR A 165 20.20 23.34 4.78
CA TYR A 165 20.31 23.94 3.46
C TYR A 165 20.44 25.45 3.64
N ASP A 166 21.49 26.02 3.01
CA ASP A 166 21.74 27.46 3.02
C ASP A 166 21.69 28.01 4.45
N ASN A 167 22.30 27.26 5.38
CA ASN A 167 22.47 27.66 6.78
C ASN A 167 21.16 27.81 7.55
N GLN A 168 20.10 27.12 7.15
CA GLN A 168 18.95 26.89 8.01
C GLN A 168 18.67 25.39 8.12
N TRP A 169 18.19 24.98 9.28
CA TRP A 169 17.78 23.60 9.47
C TRP A 169 16.30 23.45 9.15
N PHE A 170 15.97 22.36 8.46
CA PHE A 170 14.59 21.99 8.13
C PHE A 170 14.25 20.66 8.80
N HIS A 171 13.09 20.59 9.46
CA HIS A 171 12.61 19.34 10.06
C HIS A 171 11.62 18.59 9.17
N GLY A 172 11.42 19.07 7.95
CA GLY A 172 10.50 18.47 7.01
C GLY A 172 10.75 19.03 5.63
N CYS A 173 9.80 18.79 4.73
CA CYS A 173 10.01 19.30 3.39
C CYS A 173 9.82 20.80 3.34
N THR A 174 10.38 21.40 2.30
CA THR A 174 10.32 22.84 2.15
C THR A 174 10.22 23.19 0.67
N SER A 175 9.57 24.32 0.39
CA SER A 175 9.57 24.92 -0.95
C SER A 175 10.63 26.00 -1.12
N THR A 176 11.45 26.28 -0.11
CA THR A 176 12.38 27.39 -0.20
C THR A 176 13.54 27.05 -1.14
N GLY A 177 14.15 28.10 -1.69
CA GLY A 177 15.11 27.96 -2.76
C GLY A 177 14.56 27.48 -4.07
N ARG A 178 13.24 27.34 -4.16
CA ARG A 178 12.58 26.81 -5.35
C ARG A 178 11.32 27.63 -5.58
N GLU A 179 11.21 28.23 -6.77
CA GLU A 179 10.16 29.21 -7.05
C GLU A 179 8.93 28.62 -7.73
N ASP A 180 8.95 27.34 -8.09
CA ASP A 180 7.73 26.69 -8.56
C ASP A 180 6.91 26.13 -7.40
N GLY A 181 7.35 26.35 -6.17
CA GLY A 181 6.59 25.99 -4.98
C GLY A 181 6.68 24.55 -4.54
N HIS A 182 7.19 23.65 -5.37
CA HIS A 182 7.21 22.23 -5.03
C HIS A 182 8.04 21.96 -3.78
N LEU A 183 7.51 21.09 -2.93
CA LEU A 183 8.21 20.68 -1.72
C LEU A 183 9.35 19.74 -2.09
N TRP A 184 10.51 19.93 -1.47
CA TRP A 184 11.65 19.05 -1.69
C TRP A 184 12.38 18.82 -0.38
N CYS A 185 13.29 17.85 -0.38
CA CYS A 185 14.12 17.59 0.78
C CYS A 185 15.50 17.13 0.33
N ALA A 186 16.48 17.33 1.20
CA ALA A 186 17.81 16.79 0.94
C ALA A 186 17.85 15.36 1.45
N THR A 187 18.52 14.51 0.68
CA THR A 187 18.79 13.12 1.02
C THR A 187 20.15 12.98 1.67
N THR A 188 20.80 14.10 1.93
CA THR A 188 22.01 14.16 2.72
C THR A 188 21.79 15.13 3.86
N GLN A 189 22.52 14.94 4.96
CA GLN A 189 22.35 15.79 6.15
C GLN A 189 22.78 17.22 5.88
N ASP A 190 23.65 17.43 4.89
CA ASP A 190 24.20 18.74 4.55
C ASP A 190 24.07 18.96 3.05
N TYR A 191 23.19 19.89 2.66
CA TYR A 191 22.93 20.05 1.23
C TYR A 191 24.04 20.82 0.54
N GLY A 192 24.54 21.90 1.16
CA GLY A 192 25.63 22.65 0.54
C GLY A 192 26.82 21.76 0.21
N LYS A 193 27.12 20.82 1.10
CA LYS A 193 28.22 19.89 0.85
C LYS A 193 27.88 18.90 -0.26
N ASP A 194 26.80 18.11 -0.11
CA ASP A 194 26.58 17.00 -1.04
C ASP A 194 25.63 17.29 -2.22
N GLU A 195 24.81 18.35 -2.17
CA GLU A 195 23.85 18.64 -3.25
C GLU A 195 23.05 17.42 -3.72
N ARG A 196 22.56 16.61 -2.78
CA ARG A 196 21.71 15.46 -3.09
C ARG A 196 20.32 15.69 -2.53
N TRP A 197 19.31 15.51 -3.35
CA TRP A 197 17.96 15.91 -2.95
C TRP A 197 16.92 15.09 -3.72
N GLY A 198 15.66 15.38 -3.43
CA GLY A 198 14.54 14.86 -4.20
C GLY A 198 13.28 15.56 -3.80
N PHE A 199 12.26 15.42 -4.65
CA PHE A 199 10.96 16.00 -4.37
C PHE A 199 10.25 15.19 -3.32
N CYS A 200 9.44 15.86 -2.55
CA CYS A 200 8.68 15.17 -1.51
C CYS A 200 7.36 14.69 -2.06
N PRO A 201 6.93 13.50 -1.64
CA PRO A 201 5.66 12.95 -2.11
C PRO A 201 4.47 13.76 -1.61
N ILE A 202 3.50 13.92 -2.49
CA ILE A 202 2.29 14.67 -2.24
C ILE A 202 1.11 13.71 -2.24
N LYS A 203 0.19 13.88 -1.28
CA LYS A 203 -1.11 13.21 -1.35
C LYS A 203 -2.07 14.20 -1.99
N SER A 204 -2.48 13.92 -3.22
CA SER A 204 -3.24 14.87 -3.99
C SER A 204 -4.41 14.17 -4.64
N ASN A 205 -5.44 14.95 -4.96
CA ASN A 205 -6.58 14.48 -5.71
C ASN A 205 -6.49 14.79 -7.20
N ASP A 206 -5.40 15.43 -7.64
CA ASP A 206 -5.15 15.55 -9.08
C ASP A 206 -3.87 14.80 -9.43
N CYS A 207 -3.58 14.80 -10.73
CA CYS A 207 -2.41 14.18 -11.32
C CYS A 207 -1.28 15.16 -11.63
N GLU A 208 -1.40 16.41 -11.20
CA GLU A 208 -0.49 17.47 -11.64
C GLU A 208 0.99 17.11 -11.43
N THR A 209 1.73 17.25 -12.52
CA THR A 209 3.18 17.43 -12.61
C THR A 209 3.99 16.18 -12.35
N PHE A 210 3.49 15.27 -11.52
CA PHE A 210 4.24 14.05 -11.28
C PHE A 210 3.67 12.84 -11.99
N TRP A 211 2.62 13.02 -12.77
CA TRP A 211 1.82 11.91 -13.27
C TRP A 211 1.53 12.09 -14.75
N ASP A 212 1.43 10.96 -15.45
CA ASP A 212 0.73 10.90 -16.72
C ASP A 212 -0.73 10.50 -16.47
N LYS A 213 -1.65 11.24 -17.09
CA LYS A 213 -3.06 10.94 -17.02
C LYS A 213 -3.51 10.30 -18.33
N ASP A 214 -4.19 9.16 -18.22
CA ASP A 214 -4.87 8.58 -19.36
C ASP A 214 -6.20 9.32 -19.55
N GLN A 215 -6.37 9.93 -20.71
CA GLN A 215 -7.58 10.71 -20.94
C GLN A 215 -8.83 9.84 -20.92
N LEU A 216 -8.71 8.55 -21.26
CA LEU A 216 -9.89 7.74 -21.42
C LEU A 216 -10.46 7.25 -20.08
N THR A 217 -9.61 6.77 -19.16
CA THR A 217 -10.08 6.29 -17.87
C THR A 217 -9.93 7.28 -16.72
N ASP A 218 -9.28 8.42 -16.93
CA ASP A 218 -8.86 9.33 -15.87
C ASP A 218 -7.94 8.66 -14.83
N SER A 219 -7.25 7.58 -15.19
CA SER A 219 -6.24 6.99 -14.32
C SER A 219 -4.89 7.69 -14.49
N CYS A 220 -4.16 7.82 -13.38
CA CYS A 220 -2.86 8.48 -13.38
C CYS A 220 -1.74 7.49 -13.04
N TYR A 221 -0.59 7.69 -13.67
CA TYR A 221 0.50 6.72 -13.59
C TYR A 221 1.82 7.43 -13.44
N GLN A 222 2.69 6.86 -12.61
CA GLN A 222 3.99 7.48 -12.32
C GLN A 222 5.08 6.44 -12.54
N PHE A 223 6.04 6.78 -13.39
CA PHE A 223 7.12 5.85 -13.74
C PHE A 223 8.39 6.40 -13.13
N ASN A 224 8.89 5.76 -12.06
CA ASN A 224 10.08 6.34 -11.46
C ASN A 224 11.25 5.50 -11.96
N PHE A 225 11.84 5.99 -13.06
CA PHE A 225 12.85 5.25 -13.82
C PHE A 225 14.21 5.35 -13.15
N GLN A 226 14.49 6.50 -12.57
CA GLN A 226 15.74 6.81 -11.92
C GLN A 226 15.80 6.29 -10.48
N SER A 227 14.78 5.59 -10.00
CA SER A 227 14.73 5.17 -8.60
C SER A 227 15.12 3.71 -8.44
N THR A 228 15.78 3.40 -7.32
CA THR A 228 16.11 2.02 -6.96
C THR A 228 15.54 1.76 -5.57
N LEU A 229 14.49 0.94 -5.49
CA LEU A 229 13.84 0.68 -4.21
C LEU A 229 13.40 -0.78 -4.18
N SER A 230 13.37 -1.35 -2.98
CA SER A 230 12.78 -2.67 -2.80
C SER A 230 11.26 -2.60 -3.00
N TRP A 231 10.65 -3.77 -3.24
CA TRP A 231 9.21 -3.79 -3.44
C TRP A 231 8.47 -3.12 -2.27
N ARG A 232 8.83 -3.48 -1.04
CA ARG A 232 8.20 -2.87 0.13
C ARG A 232 8.47 -1.38 0.20
N GLU A 233 9.68 -0.96 -0.12
CA GLU A 233 9.97 0.47 -0.12
C GLU A 233 9.15 1.18 -1.19
N ALA A 234 9.05 0.58 -2.37
CA ALA A 234 8.28 1.15 -3.47
C ALA A 234 6.79 1.18 -3.15
N TRP A 235 6.29 0.09 -2.56
CA TRP A 235 4.94 0.11 -2.00
C TRP A 235 4.74 1.31 -1.07
N ALA A 236 5.67 1.51 -0.13
CA ALA A 236 5.51 2.60 0.84
C ALA A 236 5.55 3.95 0.14
N SER A 237 6.35 4.09 -0.92
CA SER A 237 6.47 5.35 -1.62
C SER A 237 5.18 5.71 -2.33
N CYS A 238 4.55 4.75 -3.00
CA CYS A 238 3.26 5.02 -3.65
C CYS A 238 2.20 5.33 -2.61
N GLU A 239 2.22 4.64 -1.46
CA GLU A 239 1.24 4.92 -0.43
C GLU A 239 1.39 6.34 0.10
N GLN A 240 2.64 6.83 0.21
CA GLN A 240 2.86 8.20 0.67
C GLN A 240 2.28 9.24 -0.29
N GLN A 241 1.97 8.85 -1.51
CA GLN A 241 1.40 9.73 -2.52
C GLN A 241 -0.12 9.61 -2.63
N GLY A 242 -0.77 8.82 -1.77
CA GLY A 242 -2.17 8.54 -1.93
C GLY A 242 -2.47 7.62 -3.09
N ALA A 243 -1.49 6.82 -3.51
CA ALA A 243 -1.51 5.99 -4.71
C ALA A 243 -1.23 4.55 -4.32
N ASP A 244 -1.05 3.69 -5.32
CA ASP A 244 -0.64 2.32 -5.07
C ASP A 244 0.30 1.88 -6.18
N LEU A 245 1.01 0.78 -5.95
CA LEU A 245 1.81 0.21 -7.02
C LEU A 245 0.87 -0.16 -8.17
N LEU A 246 1.38 -0.06 -9.39
CA LEU A 246 0.59 -0.26 -10.60
C LEU A 246 -0.16 -1.59 -10.57
N SER A 247 -1.45 -1.54 -10.90
CA SER A 247 -2.23 -2.72 -11.25
C SER A 247 -2.60 -2.63 -12.72
N ILE A 248 -2.65 -3.77 -13.40
CA ILE A 248 -3.07 -3.77 -14.80
C ILE A 248 -4.28 -4.70 -14.90
N THR A 249 -5.48 -4.12 -15.07
CA THR A 249 -6.72 -4.87 -14.99
C THR A 249 -7.37 -5.22 -16.33
N GLU A 250 -6.84 -4.73 -17.45
CA GLU A 250 -7.45 -4.99 -18.73
C GLU A 250 -6.41 -4.73 -19.82
N ILE A 251 -6.70 -5.25 -21.02
CA ILE A 251 -5.76 -5.15 -22.13
C ILE A 251 -5.48 -3.69 -22.47
N HIS A 252 -6.51 -2.83 -22.47
CA HIS A 252 -6.29 -1.41 -22.78
C HIS A 252 -5.29 -0.78 -21.82
N GLU A 253 -5.30 -1.21 -20.55
CA GLU A 253 -4.39 -0.62 -19.59
C GLU A 253 -2.97 -1.11 -19.85
N GLN A 254 -2.82 -2.40 -20.15
CA GLN A 254 -1.52 -2.91 -20.58
C GLN A 254 -0.99 -2.13 -21.77
N THR A 255 -1.83 -1.96 -22.79
CA THR A 255 -1.43 -1.24 -24.00
C THR A 255 -1.06 0.21 -23.68
N TYR A 256 -1.87 0.89 -22.88
CA TYR A 256 -1.56 2.27 -22.53
C TYR A 256 -0.27 2.36 -21.71
N ILE A 257 0.08 1.31 -20.96
CA ILE A 257 1.31 1.33 -20.18
C ILE A 257 2.50 1.12 -21.10
N ASN A 258 2.35 0.26 -22.10
CA ASN A 258 3.42 0.04 -23.06
C ASN A 258 3.69 1.30 -23.86
N GLY A 259 2.65 2.08 -24.16
CA GLY A 259 2.85 3.33 -24.85
C GLY A 259 3.67 4.30 -24.02
N LEU A 260 3.50 4.27 -22.70
CA LEU A 260 4.28 5.15 -21.85
C LEU A 260 5.70 4.64 -21.66
N LEU A 261 5.94 3.36 -21.90
CA LEU A 261 7.25 2.73 -21.76
C LEU A 261 8.12 2.90 -23.00
N THR A 262 7.58 3.46 -24.06
CA THR A 262 8.30 3.45 -25.33
C THR A 262 9.55 4.33 -25.24
N GLY A 263 10.64 3.81 -25.77
CA GLY A 263 11.91 4.50 -25.70
C GLY A 263 12.77 4.15 -24.51
N TYR A 264 12.23 3.39 -23.54
CA TYR A 264 12.93 3.06 -22.31
C TYR A 264 13.30 1.58 -22.27
N SER A 265 14.45 1.28 -21.66
CA SER A 265 14.80 -0.10 -21.35
C SER A 265 14.86 -0.22 -19.84
N SER A 266 13.88 -0.91 -19.25
CA SER A 266 13.75 -0.88 -17.79
C SER A 266 12.96 -2.07 -17.29
N THR A 267 13.16 -2.37 -16.01
CA THR A 267 12.40 -3.37 -15.27
C THR A 267 11.86 -2.70 -14.00
N LEU A 268 10.55 -2.62 -13.88
CA LEU A 268 9.96 -1.82 -12.81
C LEU A 268 9.05 -2.67 -11.93
N TRP A 269 9.13 -2.44 -10.62
CA TRP A 269 8.17 -3.02 -9.70
C TRP A 269 6.76 -2.61 -10.08
N ILE A 270 5.85 -3.59 -10.06
CA ILE A 270 4.41 -3.32 -10.15
C ILE A 270 3.75 -3.92 -8.92
N GLY A 271 2.40 -3.83 -8.86
CA GLY A 271 1.67 -4.23 -7.66
C GLY A 271 1.42 -5.71 -7.49
N LEU A 272 1.79 -6.51 -8.48
CA LEU A 272 1.51 -7.93 -8.46
C LEU A 272 2.37 -8.63 -7.41
N ASN A 273 1.74 -9.41 -6.53
CA ASN A 273 2.49 -10.18 -5.55
C ASN A 273 1.65 -11.37 -5.07
N ASP A 274 2.32 -12.44 -4.66
CA ASP A 274 1.72 -13.55 -3.93
C ASP A 274 2.00 -13.51 -2.43
N LEU A 275 2.53 -12.39 -1.90
CA LEU A 275 3.01 -12.31 -0.51
C LEU A 275 2.02 -12.83 0.54
N ASP A 276 0.71 -12.65 0.33
CA ASP A 276 -0.24 -13.24 1.29
C ASP A 276 -0.17 -14.76 1.15
N THR A 277 0.14 -15.42 2.26
CA THR A 277 0.44 -16.84 2.20
C THR A 277 -0.81 -17.70 2.06
N SER A 278 -1.97 -17.17 2.47
CA SER A 278 -3.25 -17.87 2.32
C SER A 278 -3.84 -17.77 0.91
N GLY A 279 -3.49 -16.73 0.15
CA GLY A 279 -4.02 -16.52 -1.17
C GLY A 279 -3.05 -16.78 -2.32
N GLY A 280 -3.56 -16.54 -3.52
CA GLY A 280 -2.78 -16.62 -4.73
C GLY A 280 -2.23 -15.27 -5.16
N TRP A 281 -2.11 -15.11 -6.48
CA TRP A 281 -1.61 -13.86 -7.03
C TRP A 281 -2.65 -12.76 -6.92
N GLN A 282 -2.18 -11.55 -6.67
CA GLN A 282 -3.10 -10.46 -6.38
C GLN A 282 -2.41 -9.13 -6.68
N TRP A 283 -3.23 -8.11 -6.87
CA TRP A 283 -2.75 -6.73 -6.89
C TRP A 283 -2.85 -6.15 -5.48
N SER A 284 -1.81 -5.39 -5.09
CA SER A 284 -1.78 -4.77 -3.78
C SER A 284 -2.88 -3.74 -3.59
N ASP A 285 -3.41 -3.17 -4.67
CA ASP A 285 -4.54 -2.26 -4.55
C ASP A 285 -5.86 -3.00 -4.52
N ASN A 286 -5.81 -4.33 -4.55
CA ASN A 286 -6.94 -5.25 -4.51
C ASN A 286 -7.84 -5.21 -5.73
N SER A 287 -7.31 -4.78 -6.86
CA SER A 287 -8.05 -4.96 -8.09
C SER A 287 -8.17 -6.46 -8.38
N PRO A 288 -9.23 -6.87 -9.06
CA PRO A 288 -9.32 -8.28 -9.49
C PRO A 288 -8.11 -8.65 -10.32
N LEU A 289 -7.57 -9.84 -10.10
CA LEU A 289 -6.60 -10.24 -11.11
C LEU A 289 -7.44 -11.00 -12.12
N LYS A 290 -7.91 -10.26 -13.14
CA LYS A 290 -8.72 -10.83 -14.22
C LYS A 290 -7.99 -10.90 -15.54
N TYR A 291 -6.79 -10.31 -15.62
CA TYR A 291 -6.03 -10.14 -16.84
C TYR A 291 -4.61 -10.55 -16.52
N LEU A 292 -3.97 -11.31 -17.42
CA LEU A 292 -2.64 -11.88 -17.19
C LEU A 292 -1.77 -11.62 -18.40
N ASN A 293 -0.67 -10.89 -18.18
CA ASN A 293 0.43 -10.68 -19.12
C ASN A 293 1.73 -11.44 -18.81
N TRP A 294 1.70 -12.47 -17.97
CA TRP A 294 2.95 -13.14 -17.62
C TRP A 294 3.78 -13.47 -18.85
N GLU A 295 5.11 -13.35 -18.71
CA GLU A 295 5.99 -13.88 -19.75
C GLU A 295 5.85 -15.41 -19.84
N SER A 296 6.31 -15.98 -20.96
CA SER A 296 6.00 -17.37 -21.31
C SER A 296 6.37 -18.36 -20.20
N ASP A 297 7.52 -18.16 -19.56
CA ASP A 297 8.02 -19.06 -18.53
C ASP A 297 7.65 -18.62 -17.11
N GLN A 298 6.81 -17.60 -16.95
CA GLN A 298 6.56 -17.00 -15.65
C GLN A 298 5.14 -17.33 -15.20
N PRO A 299 4.90 -17.33 -13.88
CA PRO A 299 5.86 -17.10 -12.78
C PRO A 299 6.71 -18.34 -12.46
N ASP A 300 7.94 -18.14 -11.97
CA ASP A 300 8.79 -19.27 -11.58
C ASP A 300 9.30 -19.10 -10.16
N ASN A 301 10.17 -20.00 -9.72
CA ASN A 301 10.73 -20.04 -8.36
C ASN A 301 9.64 -19.74 -7.32
N PRO A 302 8.62 -20.61 -7.19
CA PRO A 302 7.49 -20.26 -6.31
C PRO A 302 7.89 -19.95 -4.87
N SER A 303 9.05 -20.40 -4.39
CA SER A 303 9.38 -20.25 -2.98
C SER A 303 9.72 -18.80 -2.64
N GLU A 304 10.87 -18.29 -3.09
CA GLU A 304 11.16 -16.86 -3.03
C GLU A 304 10.68 -16.24 -4.35
N GLU A 305 11.05 -14.99 -4.63
CA GLU A 305 10.52 -14.25 -5.79
C GLU A 305 9.00 -14.10 -5.69
N ASN A 306 8.58 -13.27 -4.73
CA ASN A 306 7.17 -13.07 -4.42
C ASN A 306 6.54 -11.81 -5.03
N CYS A 307 7.26 -11.04 -5.85
CA CYS A 307 6.80 -9.72 -6.28
C CYS A 307 6.96 -9.56 -7.79
N GLY A 308 6.00 -8.88 -8.42
CA GLY A 308 5.98 -8.79 -9.87
C GLY A 308 6.64 -7.54 -10.41
N VAL A 309 7.13 -7.65 -11.65
CA VAL A 309 7.74 -6.54 -12.40
C VAL A 309 7.18 -6.52 -13.81
N ILE A 310 7.18 -5.34 -14.40
CA ILE A 310 6.95 -5.20 -15.83
C ILE A 310 8.30 -4.94 -16.49
N ARG A 311 8.53 -5.57 -17.64
CA ARG A 311 9.78 -5.47 -18.41
C ARG A 311 9.49 -4.89 -19.80
N THR A 312 10.29 -3.91 -20.21
CA THR A 312 10.23 -3.43 -21.60
C THR A 312 10.73 -4.47 -22.60
N GLU A 313 11.61 -5.38 -22.14
CA GLU A 313 12.27 -6.30 -23.07
C GLU A 313 11.26 -7.22 -23.75
N SER A 314 10.23 -7.65 -23.03
CA SER A 314 9.11 -8.42 -23.57
C SER A 314 7.98 -7.51 -24.04
N SER A 315 8.23 -6.20 -24.09
CA SER A 315 7.22 -5.16 -24.29
C SER A 315 6.02 -5.38 -23.36
N GLY A 316 6.30 -5.21 -22.07
CA GLY A 316 5.28 -5.18 -21.06
C GLY A 316 4.94 -6.50 -20.41
N GLY A 317 5.65 -7.59 -20.73
CA GLY A 317 5.39 -8.85 -20.05
C GLY A 317 5.83 -8.79 -18.60
N TRP A 318 5.28 -9.69 -17.79
CA TRP A 318 5.47 -9.63 -16.35
C TRP A 318 6.39 -10.75 -15.87
N GLN A 319 7.17 -10.46 -14.83
CA GLN A 319 7.96 -11.46 -14.15
C GLN A 319 7.70 -11.36 -12.66
N ASN A 320 7.87 -12.47 -11.96
CA ASN A 320 8.01 -12.42 -10.51
C ASN A 320 9.49 -12.43 -10.16
N ARG A 321 9.87 -11.66 -9.13
CA ARG A 321 11.25 -11.42 -8.77
C ARG A 321 11.40 -11.39 -7.26
N ASP A 322 12.65 -11.43 -6.81
CA ASP A 322 12.95 -11.36 -5.38
C ASP A 322 12.59 -9.96 -4.87
N CYS A 323 11.72 -9.91 -3.86
CA CYS A 323 11.12 -8.66 -3.40
C CYS A 323 12.11 -7.70 -2.78
N SER A 324 13.33 -8.14 -2.47
CA SER A 324 14.28 -7.31 -1.76
C SER A 324 15.25 -6.59 -2.69
N ILE A 325 15.18 -6.83 -4.00
CA ILE A 325 16.10 -6.13 -4.90
C ILE A 325 15.56 -4.74 -5.16
N ALA A 326 16.47 -3.83 -5.48
CA ALA A 326 16.14 -2.42 -5.68
C ALA A 326 15.92 -2.18 -7.17
N LEU A 327 14.75 -1.69 -7.53
CA LEU A 327 14.39 -1.45 -8.92
C LEU A 327 13.64 -0.13 -9.03
N PRO A 328 13.53 0.41 -10.23
CA PRO A 328 12.48 1.41 -10.50
C PRO A 328 11.09 0.79 -10.29
N TYR A 329 10.09 1.66 -10.13
CA TYR A 329 8.74 1.19 -9.85
C TYR A 329 7.72 2.13 -10.50
N VAL A 330 6.48 1.64 -10.63
CA VAL A 330 5.39 2.42 -11.20
C VAL A 330 4.30 2.56 -10.15
N CYS A 331 3.79 3.79 -9.99
CA CYS A 331 2.64 4.07 -9.13
C CYS A 331 1.43 4.41 -10.00
N LYS A 332 0.25 4.15 -9.45
CA LYS A 332 -1.01 4.41 -10.13
C LYS A 332 -2.02 4.96 -9.13
N LYS A 333 -2.90 5.85 -9.60
CA LYS A 333 -4.00 6.28 -8.74
C LYS A 333 -5.18 6.75 -9.58
N LYS A 334 -6.35 6.71 -8.96
CA LYS A 334 -7.61 7.19 -9.51
C LYS A 334 -8.10 8.40 -8.71
N PRO A 335 -8.28 9.59 -9.31
CA PRO A 335 -9.05 10.66 -8.65
C PRO A 335 -10.57 10.47 -8.75
N ASN A 336 -11.05 9.30 -8.37
CA ASN A 336 -12.48 8.96 -8.40
C ASN A 336 -13.16 9.39 -7.10
N VAL A 350 -34.47 -4.74 0.47
CA VAL A 350 -33.73 -5.62 -0.44
C VAL A 350 -34.22 -7.07 -0.27
N LYS A 351 -35.55 -7.23 -0.05
CA LYS A 351 -36.16 -8.54 0.18
C LYS A 351 -36.63 -9.18 -1.14
N VAL A 352 -36.41 -10.49 -1.27
CA VAL A 352 -36.60 -11.19 -2.53
C VAL A 352 -36.99 -12.64 -2.26
N GLU A 353 -37.73 -13.24 -3.20
CA GLU A 353 -38.13 -14.64 -3.14
C GLU A 353 -37.85 -15.34 -4.47
N CYS A 354 -37.87 -16.68 -4.47
CA CYS A 354 -37.69 -17.39 -5.72
C CYS A 354 -38.43 -18.71 -5.74
N GLU A 355 -38.34 -19.35 -6.90
CA GLU A 355 -38.94 -20.63 -7.15
C GLU A 355 -38.32 -21.70 -6.25
N PRO A 356 -39.06 -22.79 -6.01
CA PRO A 356 -38.53 -23.88 -5.20
C PRO A 356 -37.22 -24.42 -5.75
N SER A 357 -36.35 -24.83 -4.83
CA SER A 357 -35.00 -25.39 -5.02
C SER A 357 -33.96 -24.30 -5.22
N TRP A 358 -34.35 -23.03 -5.26
CA TRP A 358 -33.42 -21.90 -5.27
C TRP A 358 -33.54 -21.14 -3.95
N GLN A 359 -32.43 -20.51 -3.52
CA GLN A 359 -32.40 -19.79 -2.24
C GLN A 359 -32.04 -18.31 -2.42
N PRO A 360 -32.65 -17.42 -1.64
CA PRO A 360 -32.41 -15.98 -1.79
C PRO A 360 -31.09 -15.51 -1.19
N PHE A 361 -30.40 -14.61 -1.91
CA PHE A 361 -29.43 -13.71 -1.30
C PHE A 361 -29.46 -12.37 -2.02
N GLN A 362 -29.65 -11.28 -1.28
CA GLN A 362 -29.51 -9.90 -1.76
C GLN A 362 -30.12 -9.71 -3.17
N GLY A 363 -31.42 -9.92 -3.26
CA GLY A 363 -32.07 -9.75 -4.55
C GLY A 363 -31.70 -10.73 -5.64
N HIS A 364 -30.95 -11.79 -5.35
CA HIS A 364 -30.64 -12.82 -6.34
C HIS A 364 -31.01 -14.19 -5.79
N CYS A 365 -31.07 -15.18 -6.68
CA CYS A 365 -31.35 -16.54 -6.25
C CYS A 365 -30.29 -17.49 -6.76
N TYR A 366 -30.04 -18.54 -5.98
CA TYR A 366 -28.92 -19.44 -6.15
C TYR A 366 -29.39 -20.87 -5.92
N ARG A 367 -28.76 -21.81 -6.62
CA ARG A 367 -28.94 -23.21 -6.30
C ARG A 367 -27.74 -24.00 -6.79
N LEU A 368 -27.52 -25.13 -6.15
CA LEU A 368 -26.47 -26.06 -6.53
C LEU A 368 -27.01 -27.01 -7.58
N GLN A 369 -26.20 -27.25 -8.61
CA GLN A 369 -26.44 -28.36 -9.53
C GLN A 369 -25.52 -29.49 -9.10
N ALA A 370 -26.10 -30.58 -8.60
CA ALA A 370 -25.30 -31.67 -8.08
C ALA A 370 -24.69 -32.50 -9.18
N GLU A 371 -25.26 -32.46 -10.38
CA GLU A 371 -24.82 -33.33 -11.46
C GLU A 371 -23.46 -32.84 -11.94
N LYS A 372 -22.51 -33.75 -12.07
CA LYS A 372 -21.18 -33.38 -12.49
C LYS A 372 -21.16 -33.23 -14.00
N ARG A 373 -20.66 -32.10 -14.47
CA ARG A 373 -20.65 -31.77 -15.89
C ARG A 373 -19.45 -30.90 -16.20
N SER A 374 -19.12 -30.81 -17.48
CA SER A 374 -18.12 -29.88 -17.93
C SER A 374 -18.65 -28.46 -17.73
N TRP A 375 -17.73 -27.50 -17.71
CA TRP A 375 -18.12 -26.12 -17.49
C TRP A 375 -19.15 -25.69 -18.54
N GLN A 376 -18.91 -26.02 -19.81
CA GLN A 376 -19.85 -25.65 -20.86
C GLN A 376 -21.23 -26.27 -20.64
N GLU A 377 -21.27 -27.55 -20.27
CA GLU A 377 -22.56 -28.20 -20.06
C GLU A 377 -23.20 -27.75 -18.76
N SER A 378 -22.39 -27.33 -17.78
CA SER A 378 -22.97 -26.75 -16.57
C SER A 378 -23.68 -25.43 -16.89
N LYS A 379 -23.08 -24.61 -17.77
CA LYS A 379 -23.73 -23.37 -18.16
C LYS A 379 -25.05 -23.65 -18.89
N LYS A 380 -25.02 -24.61 -19.82
CA LYS A 380 -26.25 -24.96 -20.51
C LYS A 380 -27.34 -25.36 -19.52
N ALA A 381 -26.98 -26.16 -18.50
CA ALA A 381 -27.97 -26.58 -17.51
C ALA A 381 -28.52 -25.38 -16.74
N CYS A 382 -27.65 -24.41 -16.43
CA CYS A 382 -28.12 -23.20 -15.74
C CYS A 382 -29.07 -22.41 -16.63
N LEU A 383 -28.71 -22.22 -17.91
CA LEU A 383 -29.61 -21.53 -18.83
C LEU A 383 -30.93 -22.27 -19.00
N ARG A 384 -30.96 -23.61 -18.87
CA ARG A 384 -32.25 -24.27 -19.01
C ARG A 384 -33.20 -23.93 -17.86
N GLY A 385 -32.65 -23.54 -16.70
CA GLY A 385 -33.45 -23.08 -15.57
C GLY A 385 -33.56 -21.58 -15.40
N GLY A 386 -33.25 -20.81 -16.45
CA GLY A 386 -33.49 -19.37 -16.41
C GLY A 386 -32.41 -18.56 -15.73
N GLY A 387 -31.17 -19.04 -15.76
CA GLY A 387 -30.12 -18.48 -14.95
C GLY A 387 -28.82 -18.65 -15.70
N ASP A 388 -27.71 -18.33 -15.05
CA ASP A 388 -26.38 -18.51 -15.62
C ASP A 388 -25.50 -19.10 -14.52
N LEU A 389 -24.31 -19.57 -14.88
CA LEU A 389 -23.33 -19.95 -13.87
C LEU A 389 -23.09 -18.76 -12.96
N VAL A 390 -22.85 -19.02 -11.68
CA VAL A 390 -22.91 -17.96 -10.68
C VAL A 390 -21.76 -16.98 -10.88
N SER A 391 -22.05 -15.69 -10.73
CA SER A 391 -21.04 -14.65 -10.65
C SER A 391 -20.98 -14.10 -9.23
N ILE A 392 -19.78 -13.69 -8.81
CA ILE A 392 -19.53 -13.34 -7.41
C ILE A 392 -18.90 -11.96 -7.36
N HIS A 393 -19.64 -10.98 -6.87
CA HIS A 393 -19.18 -9.61 -6.74
C HIS A 393 -18.79 -9.15 -5.33
N SER A 394 -18.88 -9.98 -4.30
CA SER A 394 -18.46 -9.52 -2.97
C SER A 394 -18.11 -10.72 -2.10
N MET A 395 -17.38 -10.43 -1.01
CA MET A 395 -17.03 -11.48 -0.04
C MET A 395 -18.27 -11.99 0.68
N ALA A 396 -19.22 -11.10 0.95
CA ALA A 396 -20.48 -11.53 1.54
C ALA A 396 -21.20 -12.50 0.62
N GLU A 397 -21.28 -12.17 -0.68
CA GLU A 397 -21.87 -13.09 -1.64
C GLU A 397 -21.06 -14.38 -1.73
N LEU A 398 -19.74 -14.29 -1.64
CA LEU A 398 -18.93 -15.51 -1.69
C LEU A 398 -19.22 -16.40 -0.49
N GLU A 399 -19.46 -15.78 0.68
CA GLU A 399 -19.67 -16.56 1.89
C GLU A 399 -21.04 -17.23 1.90
N PHE A 400 -22.06 -16.54 1.38
CA PHE A 400 -23.35 -17.19 1.22
C PHE A 400 -23.24 -18.39 0.28
N ILE A 401 -22.66 -18.16 -0.91
CA ILE A 401 -22.41 -19.23 -1.87
C ILE A 401 -21.67 -20.39 -1.21
N THR A 402 -20.53 -20.09 -0.59
CA THR A 402 -19.69 -21.14 -0.04
C THR A 402 -20.42 -21.91 1.07
N LYS A 403 -20.97 -21.18 2.05
CA LYS A 403 -21.54 -21.85 3.23
C LYS A 403 -22.97 -22.35 3.02
N GLN A 404 -23.84 -21.57 2.37
CA GLN A 404 -25.24 -21.95 2.18
C GLN A 404 -25.48 -22.89 1.00
N ILE A 405 -24.78 -22.68 -0.13
CA ILE A 405 -25.11 -23.39 -1.36
C ILE A 405 -24.16 -24.56 -1.59
N LYS A 406 -22.87 -24.25 -1.73
CA LYS A 406 -21.84 -25.26 -1.92
C LYS A 406 -21.88 -26.31 -0.82
N GLN A 407 -21.79 -25.86 0.44
CA GLN A 407 -21.86 -26.72 1.63
C GLN A 407 -20.77 -27.79 1.55
N GLU A 408 -21.09 -29.07 1.62
CA GLU A 408 -20.09 -30.11 1.72
C GLU A 408 -19.40 -30.44 0.40
N VAL A 409 -19.90 -29.89 -0.73
CA VAL A 409 -19.33 -30.24 -2.02
C VAL A 409 -17.93 -29.64 -2.13
N GLU A 410 -16.97 -30.47 -2.53
CA GLU A 410 -15.56 -30.09 -2.43
C GLU A 410 -15.21 -29.00 -3.45
N GLU A 411 -15.56 -29.22 -4.71
CA GLU A 411 -15.19 -28.31 -5.78
C GLU A 411 -16.31 -28.23 -6.81
N LEU A 412 -16.60 -27.03 -7.31
CA LEU A 412 -17.70 -26.89 -8.26
C LEU A 412 -17.45 -25.68 -9.17
N TRP A 413 -18.08 -25.73 -10.35
CA TRP A 413 -17.89 -24.71 -11.38
C TRP A 413 -18.58 -23.40 -10.99
N ILE A 414 -17.92 -22.27 -11.23
CA ILE A 414 -18.59 -20.98 -11.21
C ILE A 414 -18.35 -20.31 -12.55
N GLY A 415 -18.84 -19.08 -12.72
CA GLY A 415 -19.00 -18.52 -14.04
C GLY A 415 -17.79 -17.86 -14.69
N LEU A 416 -16.65 -17.82 -14.01
CA LEU A 416 -15.51 -17.07 -14.54
C LEU A 416 -14.73 -17.95 -15.53
N ASN A 417 -14.19 -17.33 -16.56
CA ASN A 417 -13.57 -18.07 -17.67
C ASN A 417 -12.95 -17.08 -18.65
N ASP A 418 -11.95 -17.57 -19.41
CA ASP A 418 -11.30 -16.82 -20.49
C ASP A 418 -11.72 -17.25 -21.92
N LEU A 419 -12.77 -18.07 -22.07
CA LEU A 419 -13.13 -18.65 -23.38
C LEU A 419 -13.12 -17.64 -24.53
N LYS A 420 -13.60 -16.42 -24.30
CA LYS A 420 -13.70 -15.45 -25.39
C LYS A 420 -12.31 -15.00 -25.85
N LEU A 421 -11.46 -14.56 -24.92
CA LEU A 421 -10.09 -14.13 -25.21
C LEU A 421 -9.17 -14.68 -24.13
N GLN A 422 -8.21 -15.51 -24.52
CA GLN A 422 -7.32 -16.12 -23.55
C GLN A 422 -6.59 -15.04 -22.75
N MET A 423 -6.37 -15.32 -21.46
CA MET A 423 -5.71 -14.48 -20.47
C MET A 423 -6.62 -13.42 -19.90
N ASN A 424 -7.84 -13.26 -20.40
CA ASN A 424 -8.73 -12.21 -19.94
C ASN A 424 -10.00 -12.87 -19.43
N PHE A 425 -10.19 -12.84 -18.11
CA PHE A 425 -11.30 -13.57 -17.51
C PHE A 425 -12.54 -12.71 -17.43
N GLU A 426 -13.69 -13.33 -17.73
CA GLU A 426 -15.00 -12.70 -17.70
C GLU A 426 -15.98 -13.64 -16.99
N TRP A 427 -17.05 -13.06 -16.48
CA TRP A 427 -18.20 -13.83 -16.07
C TRP A 427 -19.06 -14.17 -17.28
N SER A 428 -19.49 -15.43 -17.35
CA SER A 428 -20.39 -15.83 -18.43
C SER A 428 -21.66 -14.99 -18.46
N ASP A 429 -22.12 -14.48 -17.31
CA ASP A 429 -23.35 -13.68 -17.34
C ASP A 429 -23.12 -12.23 -17.75
N GLY A 430 -21.88 -11.81 -17.99
CA GLY A 430 -21.62 -10.49 -18.54
C GLY A 430 -21.47 -9.37 -17.53
N SER A 431 -21.62 -9.65 -16.24
CA SER A 431 -21.40 -8.64 -15.21
C SER A 431 -19.91 -8.38 -15.04
N LEU A 432 -19.59 -7.22 -14.46
CA LEU A 432 -18.20 -6.83 -14.29
C LEU A 432 -17.48 -7.75 -13.31
N VAL A 433 -16.18 -7.94 -13.53
CA VAL A 433 -15.37 -8.68 -12.57
C VAL A 433 -14.80 -7.64 -11.64
N SER A 434 -15.37 -7.55 -10.44
CA SER A 434 -14.92 -6.56 -9.48
C SER A 434 -13.96 -7.11 -8.43
N PHE A 435 -13.86 -8.43 -8.28
CA PHE A 435 -12.85 -8.97 -7.39
C PHE A 435 -12.58 -10.42 -7.74
N THR A 436 -11.40 -10.90 -7.33
CA THR A 436 -11.00 -12.29 -7.45
C THR A 436 -10.56 -12.80 -6.09
N HIS A 437 -10.78 -14.09 -5.85
CA HIS A 437 -10.20 -14.77 -4.70
C HIS A 437 -9.56 -16.07 -5.17
N TRP A 438 -8.25 -16.10 -5.25
CA TRP A 438 -7.53 -17.22 -5.83
C TRP A 438 -6.85 -18.00 -4.71
N HIS A 439 -6.89 -19.33 -4.82
CA HIS A 439 -6.06 -20.19 -3.98
C HIS A 439 -4.60 -19.92 -4.27
N PRO A 440 -3.70 -20.29 -3.35
CA PRO A 440 -2.27 -20.08 -3.61
C PRO A 440 -1.84 -20.67 -4.94
N PHE A 441 -1.07 -19.88 -5.69
CA PHE A 441 -0.45 -20.23 -6.97
C PHE A 441 -1.46 -20.41 -8.08
N GLU A 442 -2.75 -20.30 -7.81
CA GLU A 442 -3.74 -20.16 -8.87
C GLU A 442 -3.79 -18.69 -9.30
N PRO A 443 -4.26 -18.41 -10.53
CA PRO A 443 -4.52 -19.36 -11.63
C PRO A 443 -3.21 -19.88 -12.25
N ASN A 444 -3.02 -21.20 -12.39
CA ASN A 444 -1.88 -21.76 -13.12
C ASN A 444 -2.18 -22.38 -14.50
N ASN A 445 -3.45 -22.44 -14.92
CA ASN A 445 -3.83 -23.20 -16.11
C ASN A 445 -3.97 -22.34 -17.37
N PHE A 446 -3.65 -21.06 -17.30
CA PHE A 446 -4.03 -20.14 -18.37
C PHE A 446 -3.23 -20.34 -19.65
N ARG A 447 -1.94 -20.74 -19.57
CA ARG A 447 -1.26 -20.97 -20.85
C ARG A 447 -1.47 -22.38 -21.40
N ASP A 448 -1.51 -23.41 -20.54
CA ASP A 448 -1.56 -24.78 -21.03
C ASP A 448 -2.97 -25.23 -21.46
N SER A 449 -4.02 -24.66 -20.87
CA SER A 449 -5.39 -24.87 -21.32
C SER A 449 -5.84 -23.61 -22.05
N LEU A 450 -6.02 -23.70 -23.37
CA LEU A 450 -6.57 -22.57 -24.10
C LEU A 450 -7.94 -22.17 -23.54
N GLU A 451 -8.79 -23.14 -23.23
CA GLU A 451 -10.06 -22.90 -22.57
C GLU A 451 -9.88 -23.11 -21.07
N ASP A 452 -9.91 -22.01 -20.32
CA ASP A 452 -9.60 -21.98 -18.89
C ASP A 452 -10.83 -21.53 -18.13
N CYS A 453 -11.32 -22.37 -17.21
CA CYS A 453 -12.51 -22.08 -16.43
C CYS A 453 -12.16 -22.05 -14.93
N VAL A 454 -13.12 -21.67 -14.09
CA VAL A 454 -12.84 -21.34 -12.69
C VAL A 454 -13.78 -22.07 -11.75
N THR A 455 -13.23 -22.76 -10.74
CA THR A 455 -14.01 -23.43 -9.70
C THR A 455 -13.96 -22.64 -8.38
N ILE A 456 -14.75 -23.14 -7.42
CA ILE A 456 -14.63 -22.80 -6.00
C ILE A 456 -14.20 -24.06 -5.27
N TRP A 457 -13.14 -23.97 -4.47
CA TRP A 457 -12.55 -25.13 -3.81
C TRP A 457 -12.37 -24.86 -2.33
N GLY A 458 -12.88 -25.79 -1.50
CA GLY A 458 -12.59 -25.82 -0.09
C GLY A 458 -13.54 -24.99 0.74
N PRO A 459 -13.38 -25.06 2.07
CA PRO A 459 -14.34 -24.38 2.96
C PRO A 459 -14.24 -22.86 2.94
N GLU A 460 -13.10 -22.29 2.57
CA GLU A 460 -12.93 -20.84 2.58
C GLU A 460 -13.49 -20.16 1.32
N GLY A 461 -13.83 -20.93 0.29
CA GLY A 461 -14.39 -20.34 -0.92
C GLY A 461 -13.38 -19.69 -1.85
N ARG A 462 -12.11 -20.04 -1.75
CA ARG A 462 -11.10 -19.59 -2.68
C ARG A 462 -11.21 -20.37 -4.00
N TRP A 463 -10.61 -19.82 -5.06
CA TRP A 463 -10.86 -20.28 -6.41
C TRP A 463 -9.64 -20.95 -7.02
N ASN A 464 -9.92 -21.92 -7.90
CA ASN A 464 -8.94 -22.53 -8.77
C ASN A 464 -9.34 -22.27 -10.21
N ASP A 465 -8.37 -22.38 -11.10
CA ASP A 465 -8.68 -22.44 -12.52
C ASP A 465 -8.45 -23.87 -12.98
N SER A 466 -9.20 -24.29 -13.98
CA SER A 466 -9.13 -25.66 -14.46
C SER A 466 -9.39 -25.66 -15.95
N PRO A 467 -8.86 -26.63 -16.68
CA PRO A 467 -9.42 -26.92 -18.01
C PRO A 467 -10.92 -27.09 -17.91
N CYS A 468 -11.63 -26.48 -18.87
CA CYS A 468 -13.09 -26.44 -18.80
C CYS A 468 -13.77 -27.79 -18.93
N ASN A 469 -13.06 -28.84 -19.33
CA ASN A 469 -13.70 -30.15 -19.52
C ASN A 469 -13.71 -30.99 -18.26
N GLN A 470 -13.25 -30.46 -17.13
CA GLN A 470 -13.38 -31.22 -15.89
C GLN A 470 -14.85 -31.32 -15.50
N SER A 471 -15.22 -32.46 -14.97
CA SER A 471 -16.62 -32.80 -14.71
C SER A 471 -16.87 -32.55 -13.22
N LEU A 472 -17.67 -31.52 -12.93
CA LEU A 472 -17.86 -31.06 -11.57
C LEU A 472 -19.29 -30.61 -11.39
N PRO A 473 -19.77 -30.60 -10.15
CA PRO A 473 -21.01 -29.89 -9.87
C PRO A 473 -20.83 -28.40 -10.17
N SER A 474 -21.89 -27.62 -10.03
CA SER A 474 -21.83 -26.21 -10.35
C SER A 474 -22.92 -25.49 -9.58
N ILE A 475 -22.93 -24.17 -9.69
CA ILE A 475 -23.89 -23.33 -8.99
C ILE A 475 -24.46 -22.30 -9.96
N CYS A 476 -25.78 -22.12 -9.93
CA CYS A 476 -26.50 -21.23 -10.81
C CYS A 476 -26.99 -20.02 -10.05
N LYS A 477 -27.10 -18.90 -10.76
CA LYS A 477 -27.62 -17.64 -10.24
C LYS A 477 -28.64 -17.11 -11.24
N LYS A 478 -29.64 -16.40 -10.72
CA LYS A 478 -30.61 -15.73 -11.56
C LYS A 478 -31.23 -14.58 -10.76
N ALA A 479 -31.83 -13.64 -11.48
CA ALA A 479 -32.43 -12.49 -10.82
C ALA A 479 -33.66 -12.95 -10.04
N GLY A 480 -33.78 -12.46 -8.81
CA GLY A 480 -34.90 -12.80 -7.95
C GLY A 480 -36.12 -11.93 -8.20
N GLN A 481 -37.20 -12.29 -7.52
CA GLN A 481 -38.47 -11.58 -7.60
C GLN A 481 -38.70 -10.82 -6.29
N LEU A 482 -38.83 -9.50 -6.39
CA LEU A 482 -39.09 -8.68 -5.21
C LEU A 482 -40.51 -8.94 -4.70
N THR A 483 -40.62 -9.09 -3.37
CA THR A 483 -41.93 -9.19 -2.75
C THR A 483 -42.43 -7.79 -2.39
#